data_5SW3
#
_entry.id   5SW3
#
_cell.length_a   89.027
_cell.length_b   64.071
_cell.length_c   70.453
_cell.angle_alpha   90.00
_cell.angle_beta   92.82
_cell.angle_gamma   90.00
#
_symmetry.space_group_name_H-M   'C 1 2 1'
#
loop_
_entity.id
_entity.type
_entity.pdbx_description
1 polymer 'Queuine tRNA-ribosyltransferase'
2 non-polymer 'ZINC ION'
3 non-polymer 'DIMETHYL SULFOXIDE'
4 non-polymer '6-(dimethylamino)pyridine-3-carboxylic acid'
5 non-polymer DI(HYDROXYETHYL)ETHER
6 non-polymer 'TETRAETHYLENE GLYCOL'
7 water water
#
_entity_poly.entity_id   1
_entity_poly.type   'polypeptide(L)'
_entity_poly.pdbx_seq_one_letter_code
;DRPRFSFSIAAREGKARTGTIEMKRGVIRTPAFMPVGTAATVKALKPETVRATGADIILGNTYHLMLRPGAERIAKLGGL
HSFMGWDRPILTDSGGYQVMSLSSLTKQSEEGVTFKSHLDGSRHMLSPERSIEIQHLLGSDIVMAFDECTPYPATPSRAA
SSMERSMRWAKRSRDAFDSRKEQAENAALFGIQQGSVFENLRQQSADALAEIGFDGYAVGGLAVGEGQDEMFRVLDFSVP
MLPDDKPHYLMGVGKPDDIVGAVERGIDMFDCVLPTRSGRNGQAFTWDGPINIRNARFSEDLKPLDSECHCAVCQKWSRA
YIHHLIRAGEILGAMLMTEHNIAFYQQLMQKIRDSISEGRFSQFAQDFRARYFAR
;
_entity_poly.pdbx_strand_id   A
#
loop_
_chem_comp.id
_chem_comp.type
_chem_comp.name
_chem_comp.formula
46L non-polymer '6-(dimethylamino)pyridine-3-carboxylic acid' 'C8 H10 N2 O2'
DMS non-polymer 'DIMETHYL SULFOXIDE' 'C2 H6 O S'
PEG non-polymer DI(HYDROXYETHYL)ETHER 'C4 H10 O3'
PG4 non-polymer 'TETRAETHYLENE GLYCOL' 'C8 H18 O5'
ZN non-polymer 'ZINC ION' 'Zn 2'
#
# COMPACT_ATOMS: atom_id res chain seq x y z
N ARG A 2 1.32 16.58 18.72
CA ARG A 2 1.17 15.15 18.44
C ARG A 2 2.51 14.54 18.04
N PRO A 3 2.65 13.23 18.22
CA PRO A 3 3.93 12.59 17.87
C PRO A 3 4.16 12.56 16.36
N ARG A 4 5.43 12.67 15.99
CA ARG A 4 5.83 12.47 14.61
C ARG A 4 5.50 11.05 14.15
N PHE A 5 5.86 10.05 14.96
CA PHE A 5 5.68 8.67 14.58
C PHE A 5 5.85 7.81 15.82
N SER A 6 4.78 7.17 16.28
CA SER A 6 4.86 6.28 17.42
C SER A 6 4.00 5.06 17.16
N PHE A 7 4.65 3.89 17.11
CA PHE A 7 3.96 2.63 16.83
C PHE A 7 3.80 1.88 18.14
N SER A 8 2.56 1.47 18.42
CA SER A 8 2.23 0.72 19.62
CA SER A 8 2.23 0.72 19.62
C SER A 8 1.51 -0.55 19.19
N ILE A 9 1.99 -1.70 19.67
CA ILE A 9 1.32 -2.97 19.44
C ILE A 9 0.43 -3.25 20.64
N ALA A 10 -0.88 -3.35 20.37
CA ALA A 10 -1.87 -3.58 21.41
C ALA A 10 -2.06 -5.07 21.72
N ALA A 11 -1.87 -5.93 20.72
CA ALA A 11 -2.18 -7.35 20.89
C ALA A 11 -1.52 -8.12 19.77
N ARG A 12 -1.25 -9.39 20.04
CA ARG A 12 -0.62 -10.29 19.08
CA ARG A 12 -0.62 -10.28 19.08
C ARG A 12 -1.34 -11.62 19.09
N GLU A 13 -1.28 -12.32 17.97
CA GLU A 13 -1.71 -13.71 17.92
C GLU A 13 -0.81 -14.40 16.90
N GLY A 14 0.02 -15.32 17.37
CA GLY A 14 1.02 -15.88 16.48
C GLY A 14 1.94 -14.77 16.01
N LYS A 15 2.16 -14.69 14.69
CA LYS A 15 2.95 -13.62 14.10
C LYS A 15 2.14 -12.36 13.83
N ALA A 16 0.81 -12.43 13.96
CA ALA A 16 -0.02 -11.29 13.65
C ALA A 16 -0.02 -10.28 14.79
N ARG A 17 -0.07 -9.01 14.44
CA ARG A 17 -0.10 -7.92 15.40
C ARG A 17 -1.22 -6.96 15.05
N THR A 18 -1.77 -6.31 16.07
CA THR A 18 -2.67 -5.18 15.86
C THR A 18 -2.26 -4.05 16.80
N GLY A 19 -2.40 -2.83 16.30
CA GLY A 19 -1.97 -1.68 17.06
C GLY A 19 -2.26 -0.39 16.35
N THR A 20 -1.45 0.63 16.63
CA THR A 20 -1.68 1.97 16.12
C THR A 20 -0.35 2.62 15.80
N ILE A 21 -0.35 3.43 14.75
CA ILE A 21 0.73 4.38 14.48
C ILE A 21 0.15 5.77 14.69
N GLU A 22 0.71 6.52 15.63
N GLU A 22 0.70 6.50 15.66
CA GLU A 22 0.30 7.89 15.88
CA GLU A 22 0.32 7.89 15.88
C GLU A 22 1.24 8.83 15.13
C GLU A 22 1.26 8.78 15.07
N MET A 23 0.67 9.68 14.28
CA MET A 23 1.42 10.67 13.52
C MET A 23 0.77 12.04 13.70
N LYS A 24 1.42 13.08 13.21
CA LYS A 24 0.91 14.42 13.44
C LYS A 24 -0.44 14.65 12.79
N ARG A 25 -0.69 14.02 11.64
CA ARG A 25 -1.94 14.21 10.94
CA ARG A 25 -1.94 14.21 10.94
C ARG A 25 -2.99 13.15 11.26
N GLY A 26 -2.72 12.23 12.17
CA GLY A 26 -3.75 11.30 12.61
C GLY A 26 -3.18 9.97 13.02
N VAL A 27 -4.08 9.10 13.47
CA VAL A 27 -3.75 7.75 13.90
C VAL A 27 -4.06 6.77 12.77
N ILE A 28 -3.16 5.81 12.60
CA ILE A 28 -3.31 4.71 11.65
C ILE A 28 -3.50 3.42 12.43
N ARG A 29 -4.66 2.80 12.28
CA ARG A 29 -4.91 1.53 12.94
C ARG A 29 -4.35 0.38 12.11
N THR A 30 -3.63 -0.53 12.75
CA THR A 30 -2.98 -1.61 12.01
C THR A 30 -3.50 -2.97 12.49
N PRO A 31 -3.58 -3.97 11.58
CA PRO A 31 -3.22 -3.87 10.17
C PRO A 31 -4.07 -2.89 9.39
N ALA A 32 -3.41 -2.18 8.47
CA ALA A 32 -3.99 -1.06 7.74
C ALA A 32 -3.98 -1.36 6.25
N PHE A 33 -5.07 -0.96 5.58
CA PHE A 33 -5.11 -0.93 4.14
C PHE A 33 -5.17 0.51 3.67
N MET A 34 -4.25 0.87 2.77
CA MET A 34 -4.13 2.20 2.19
C MET A 34 -4.72 2.20 0.79
N PRO A 35 -5.84 2.88 0.56
CA PRO A 35 -6.28 3.12 -0.81
C PRO A 35 -5.22 3.89 -1.58
N VAL A 36 -5.13 3.59 -2.88
CA VAL A 36 -4.11 4.18 -3.72
C VAL A 36 -4.67 5.39 -4.42
N GLY A 37 -4.00 6.53 -4.23
CA GLY A 37 -4.44 7.78 -4.79
C GLY A 37 -3.43 8.30 -5.77
N THR A 38 -3.10 7.44 -6.74
CA THR A 38 -2.05 7.64 -7.74
C THR A 38 -1.78 9.10 -8.10
N ALA A 39 -2.70 9.72 -8.83
CA ALA A 39 -2.52 11.08 -9.36
C ALA A 39 -3.20 12.12 -8.49
N ALA A 40 -2.98 12.06 -7.18
CA ALA A 40 -3.58 13.01 -6.25
C ALA A 40 -5.09 12.86 -6.19
N THR A 41 -5.56 11.65 -6.43
CA THR A 41 -6.96 11.30 -6.20
C THR A 41 -7.07 9.80 -6.04
N VAL A 42 -7.88 9.37 -5.08
CA VAL A 42 -8.32 7.98 -5.02
C VAL A 42 -9.47 7.89 -6.03
N LYS A 43 -9.25 7.14 -7.11
CA LYS A 43 -10.08 7.31 -8.29
C LYS A 43 -11.57 7.15 -7.97
N ALA A 44 -12.34 8.15 -8.39
CA ALA A 44 -13.79 8.19 -8.32
C ALA A 44 -14.34 8.47 -6.92
N LEU A 45 -13.51 8.88 -5.95
CA LEU A 45 -13.98 9.15 -4.59
C LEU A 45 -13.49 10.52 -4.13
N LYS A 46 -14.39 11.31 -3.56
CA LYS A 46 -13.95 12.46 -2.79
C LYS A 46 -13.21 11.98 -1.55
N PRO A 47 -12.26 12.77 -1.03
CA PRO A 47 -11.58 12.38 0.22
C PRO A 47 -12.52 12.11 1.38
N GLU A 48 -13.62 12.86 1.51
CA GLU A 48 -14.55 12.59 2.59
C GLU A 48 -15.15 11.20 2.46
N THR A 49 -15.38 10.74 1.24
CA THR A 49 -15.89 9.40 1.05
C THR A 49 -14.83 8.35 1.38
N VAL A 50 -13.58 8.60 0.98
CA VAL A 50 -12.49 7.72 1.37
C VAL A 50 -12.46 7.59 2.89
N ARG A 51 -12.55 8.71 3.59
CA ARG A 51 -12.51 8.66 5.06
C ARG A 51 -13.72 7.92 5.61
N ALA A 52 -14.90 8.15 5.03
CA ALA A 52 -16.11 7.50 5.51
C ALA A 52 -16.04 5.98 5.42
N THR A 53 -15.26 5.45 4.49
CA THR A 53 -15.10 4.00 4.41
C THR A 53 -14.25 3.44 5.55
N GLY A 54 -13.54 4.30 6.28
CA GLY A 54 -12.69 3.87 7.37
C GLY A 54 -11.20 4.03 7.12
N ALA A 55 -10.79 4.48 5.94
CA ALA A 55 -9.37 4.62 5.69
C ALA A 55 -8.74 5.68 6.58
N ASP A 56 -7.57 5.34 7.12
CA ASP A 56 -6.77 6.24 7.97
C ASP A 56 -5.64 6.92 7.23
N ILE A 57 -5.25 6.39 6.08
CA ILE A 57 -4.05 6.82 5.34
C ILE A 57 -4.27 6.37 3.89
N ILE A 58 -3.77 7.18 2.96
CA ILE A 58 -3.80 6.86 1.55
C ILE A 58 -2.38 6.91 0.99
N LEU A 59 -2.21 6.34 -0.20
CA LEU A 59 -0.93 6.30 -0.88
C LEU A 59 -0.92 7.28 -2.04
N GLY A 60 0.18 8.01 -2.21
CA GLY A 60 0.39 8.85 -3.39
C GLY A 60 1.54 8.30 -4.21
N ASN A 61 1.40 8.41 -5.55
CA ASN A 61 2.39 7.88 -6.50
C ASN A 61 3.36 9.00 -6.91
N THR A 62 4.57 8.93 -6.34
CA THR A 62 5.63 9.90 -6.62
C THR A 62 5.98 9.99 -8.09
N TYR A 63 6.05 8.84 -8.79
CA TYR A 63 6.40 8.86 -10.20
C TYR A 63 5.36 9.63 -11.01
N HIS A 64 4.08 9.39 -10.77
CA HIS A 64 3.06 10.15 -11.49
C HIS A 64 3.10 11.63 -11.12
N LEU A 65 3.15 11.94 -9.82
CA LEU A 65 3.01 13.32 -9.37
C LEU A 65 4.21 14.18 -9.76
N MET A 66 5.40 13.59 -9.86
CA MET A 66 6.55 14.38 -10.28
C MET A 66 6.44 14.79 -11.73
N LEU A 67 5.67 14.06 -12.52
CA LEU A 67 5.45 14.41 -13.92
C LEU A 67 4.25 15.31 -14.10
N ARG A 68 3.17 15.04 -13.38
CA ARG A 68 1.95 15.80 -13.53
C ARG A 68 1.24 15.74 -12.19
N PRO A 69 1.05 16.88 -11.54
CA PRO A 69 1.32 18.26 -11.97
C PRO A 69 2.77 18.72 -11.77
N GLY A 70 3.60 17.92 -11.13
CA GLY A 70 4.97 18.29 -10.77
C GLY A 70 5.07 18.56 -9.28
N ALA A 71 6.21 18.16 -8.70
CA ALA A 71 6.37 18.29 -7.26
C ALA A 71 6.57 19.74 -6.83
N GLU A 72 7.34 20.53 -7.58
CA GLU A 72 7.49 21.93 -7.22
C GLU A 72 6.14 22.64 -7.29
N ARG A 73 5.35 22.32 -8.31
CA ARG A 73 4.04 22.93 -8.42
C ARG A 73 3.15 22.58 -7.24
N ILE A 74 3.08 21.29 -6.87
CA ILE A 74 2.28 20.91 -5.72
C ILE A 74 2.77 21.65 -4.48
N ALA A 75 4.08 21.77 -4.29
CA ALA A 75 4.60 22.48 -3.13
C ALA A 75 4.18 23.94 -3.16
N LYS A 76 4.24 24.57 -4.34
CA LYS A 76 3.82 25.97 -4.44
C LYS A 76 2.36 26.14 -4.11
N LEU A 77 1.55 25.13 -4.40
CA LEU A 77 0.12 25.19 -4.11
C LEU A 77 -0.22 24.76 -2.69
N GLY A 78 0.77 24.49 -1.87
CA GLY A 78 0.57 24.24 -0.45
C GLY A 78 0.78 22.80 -0.02
N GLY A 79 1.24 21.94 -0.92
CA GLY A 79 1.46 20.55 -0.58
C GLY A 79 0.31 19.64 -1.02
N LEU A 80 0.59 18.35 -1.04
CA LEU A 80 -0.37 17.39 -1.58
C LEU A 80 -1.64 17.33 -0.73
N HIS A 81 -1.53 17.47 0.59
CA HIS A 81 -2.71 17.38 1.44
C HIS A 81 -3.72 18.46 1.11
N SER A 82 -3.27 19.71 1.06
CA SER A 82 -4.14 20.83 0.69
C SER A 82 -4.65 20.67 -0.74
N PHE A 83 -3.76 20.30 -1.65
CA PHE A 83 -4.10 20.21 -3.07
C PHE A 83 -5.27 19.27 -3.29
N MET A 84 -5.24 18.09 -2.70
CA MET A 84 -6.29 17.12 -2.94
C MET A 84 -7.38 17.09 -1.87
N GLY A 85 -7.22 17.83 -0.78
CA GLY A 85 -8.24 17.87 0.24
C GLY A 85 -8.28 16.66 1.14
N TRP A 86 -7.13 16.05 1.41
CA TRP A 86 -7.01 14.95 2.36
C TRP A 86 -6.04 15.41 3.44
N ASP A 87 -6.54 15.56 4.68
CA ASP A 87 -5.76 16.14 5.75
C ASP A 87 -5.11 15.12 6.67
N ARG A 88 -5.31 13.85 6.40
CA ARG A 88 -4.75 12.76 7.20
C ARG A 88 -3.44 12.27 6.59
N PRO A 89 -2.81 11.25 7.18
CA PRO A 89 -1.51 10.84 6.66
C PRO A 89 -1.58 10.35 5.21
N ILE A 90 -0.50 10.61 4.49
CA ILE A 90 -0.24 10.12 3.15
C ILE A 90 1.12 9.45 3.15
N LEU A 91 1.18 8.23 2.62
CA LEU A 91 2.44 7.55 2.31
C LEU A 91 2.72 7.73 0.83
N THR A 92 3.94 8.13 0.49
CA THR A 92 4.33 8.22 -0.91
C THR A 92 5.30 7.11 -1.27
N ASP A 93 5.07 6.48 -2.42
CA ASP A 93 6.04 5.51 -2.87
C ASP A 93 7.33 6.21 -3.32
N SER A 94 8.39 5.43 -3.46
CA SER A 94 9.69 6.05 -3.70
C SER A 94 9.90 6.40 -5.16
N GLY A 95 9.17 5.75 -6.06
CA GLY A 95 9.39 5.83 -7.47
C GLY A 95 10.29 4.75 -8.03
N GLY A 96 10.99 3.99 -7.16
CA GLY A 96 11.98 3.04 -7.66
C GLY A 96 11.38 1.87 -8.42
N TYR A 97 10.20 1.42 -8.01
CA TYR A 97 9.45 0.39 -8.74
C TYR A 97 8.73 0.99 -9.94
N GLN A 98 8.04 2.10 -9.73
CA GLN A 98 7.22 2.69 -10.79
C GLN A 98 8.07 3.13 -11.97
N VAL A 99 9.26 3.65 -11.72
CA VAL A 99 10.08 4.12 -12.84
C VAL A 99 10.37 2.97 -13.78
N MET A 100 10.59 1.77 -13.24
CA MET A 100 10.88 0.61 -14.08
C MET A 100 9.61 -0.03 -14.63
N SER A 101 8.48 0.16 -13.95
CA SER A 101 7.23 -0.43 -14.43
C SER A 101 6.57 0.42 -15.51
N LEU A 102 6.69 1.74 -15.43
CA LEU A 102 5.88 2.64 -16.26
C LEU A 102 6.65 3.36 -17.36
N SER A 103 7.98 3.45 -17.27
CA SER A 103 8.72 4.28 -18.20
C SER A 103 8.87 3.60 -19.56
N SER A 104 8.90 4.42 -20.61
CA SER A 104 9.11 3.90 -21.96
C SER A 104 10.57 3.50 -22.18
N LEU A 105 11.50 4.13 -21.49
CA LEU A 105 12.92 3.79 -21.62
C LEU A 105 13.62 4.25 -20.36
N THR A 106 14.61 3.48 -19.92
CA THR A 106 15.33 3.80 -18.69
C THR A 106 16.80 3.49 -18.87
N LYS A 107 17.64 4.21 -18.12
CA LYS A 107 19.05 3.89 -17.97
C LYS A 107 19.35 3.86 -16.48
N GLN A 108 19.84 2.72 -16.00
CA GLN A 108 20.11 2.51 -14.58
C GLN A 108 21.61 2.61 -14.32
N SER A 109 21.97 3.22 -13.19
CA SER A 109 23.35 3.35 -12.77
C SER A 109 23.39 3.42 -11.25
N GLU A 110 24.60 3.50 -10.69
CA GLU A 110 24.72 3.64 -9.23
C GLU A 110 24.11 4.95 -8.75
N GLU A 111 24.07 5.98 -9.60
CA GLU A 111 23.53 7.27 -9.18
C GLU A 111 22.01 7.21 -9.06
N GLY A 112 21.34 6.46 -9.93
CA GLY A 112 19.89 6.41 -9.95
C GLY A 112 19.40 5.90 -11.30
N VAL A 113 18.23 6.38 -11.72
CA VAL A 113 17.61 5.92 -12.95
C VAL A 113 17.20 7.14 -13.77
N THR A 114 17.67 7.20 -15.02
CA THR A 114 17.18 8.19 -15.97
C THR A 114 16.11 7.53 -16.82
N PHE A 115 15.06 8.29 -17.16
CA PHE A 115 13.91 7.66 -17.82
C PHE A 115 13.17 8.64 -18.72
N LYS A 116 12.39 8.06 -19.63
CA LYS A 116 11.48 8.79 -20.49
C LYS A 116 10.06 8.54 -20.00
N SER A 117 9.28 9.60 -19.91
CA SER A 117 7.91 9.50 -19.47
C SER A 117 7.01 8.98 -20.60
N HIS A 118 5.95 8.27 -20.22
CA HIS A 118 4.95 7.88 -21.19
C HIS A 118 4.09 9.06 -21.63
N LEU A 119 4.07 10.13 -20.83
CA LEU A 119 3.30 11.32 -21.17
C LEU A 119 4.14 12.31 -21.99
N ARG A 123 12.54 13.44 -20.82
CA ARG A 123 13.64 12.79 -20.07
C ARG A 123 13.73 13.29 -18.63
N HIS A 124 13.82 12.36 -17.68
CA HIS A 124 13.75 12.66 -16.26
C HIS A 124 14.73 11.79 -15.50
N MET A 125 14.91 12.10 -14.23
CA MET A 125 15.85 11.37 -13.39
C MET A 125 15.27 11.17 -12.00
N LEU A 126 15.45 9.97 -11.48
CA LEU A 126 15.19 9.69 -10.08
C LEU A 126 16.46 9.13 -9.43
N SER A 127 16.62 9.43 -8.15
CA SER A 127 17.75 8.96 -7.36
C SER A 127 17.30 8.97 -5.91
N PRO A 128 18.10 8.44 -5.00
CA PRO A 128 17.70 8.54 -3.58
C PRO A 128 17.45 9.98 -3.16
N GLU A 129 18.37 10.88 -3.51
CA GLU A 129 18.25 12.26 -3.07
C GLU A 129 17.07 12.96 -3.74
N ARG A 130 16.89 12.75 -5.04
CA ARG A 130 15.77 13.38 -5.74
C ARG A 130 14.44 12.84 -5.26
N SER A 131 14.35 11.53 -5.03
CA SER A 131 13.11 10.94 -4.54
C SER A 131 12.74 11.52 -3.18
N ILE A 132 13.72 11.62 -2.28
CA ILE A 132 13.45 12.21 -0.96
C ILE A 132 12.99 13.64 -1.11
N GLU A 133 13.66 14.41 -1.98
CA GLU A 133 13.29 15.82 -2.15
CA GLU A 133 13.29 15.81 -2.15
C GLU A 133 11.89 15.95 -2.74
N ILE A 134 11.55 15.11 -3.73
CA ILE A 134 10.21 15.16 -4.30
C ILE A 134 9.18 14.85 -3.22
N GLN A 135 9.44 13.81 -2.43
CA GLN A 135 8.49 13.44 -1.38
C GLN A 135 8.39 14.55 -0.32
N HIS A 136 9.50 15.24 -0.06
CA HIS A 136 9.47 16.42 0.80
C HIS A 136 8.57 17.50 0.23
N LEU A 137 8.75 17.83 -1.05
CA LEU A 137 7.94 18.86 -1.68
C LEU A 137 6.46 18.49 -1.68
N LEU A 138 6.15 17.20 -1.84
CA LEU A 138 4.77 16.76 -1.75
C LEU A 138 4.22 16.88 -0.34
N GLY A 139 5.09 16.83 0.67
CA GLY A 139 4.66 16.93 2.05
C GLY A 139 4.13 15.63 2.61
N SER A 140 4.61 14.50 2.09
CA SER A 140 4.27 13.15 2.53
CA SER A 140 4.05 13.28 2.61
C SER A 140 4.54 12.98 4.02
N ASP A 141 3.71 12.17 4.68
CA ASP A 141 3.92 11.82 6.08
C ASP A 141 4.79 10.60 6.26
N ILE A 142 4.65 9.60 5.37
CA ILE A 142 5.53 8.45 5.36
C ILE A 142 6.23 8.43 4.01
N VAL A 143 7.54 8.56 4.07
CA VAL A 143 8.42 8.65 2.92
C VAL A 143 9.06 7.28 2.73
N MET A 144 9.07 6.78 1.49
CA MET A 144 9.71 5.51 1.18
C MET A 144 11.11 5.75 0.61
N ALA A 145 12.09 5.03 1.13
CA ALA A 145 13.43 5.08 0.58
C ALA A 145 13.43 4.57 -0.86
N PHE A 146 14.24 5.21 -1.69
CA PHE A 146 14.33 4.86 -3.10
C PHE A 146 15.05 3.53 -3.25
N ASP A 147 14.41 2.58 -3.94
CA ASP A 147 14.93 1.24 -4.01
C ASP A 147 14.99 0.77 -5.46
N GLU A 148 15.45 -0.47 -5.61
CA GLU A 148 15.39 -1.20 -6.87
C GLU A 148 14.66 -2.51 -6.59
N CYS A 149 13.54 -2.71 -7.27
CA CYS A 149 12.81 -3.96 -7.15
C CYS A 149 13.45 -4.97 -8.08
N THR A 150 14.05 -5.99 -7.52
CA THR A 150 14.72 -6.99 -8.33
C THR A 150 13.69 -7.74 -9.18
N PRO A 151 13.88 -7.84 -10.50
CA PRO A 151 12.93 -8.61 -11.31
C PRO A 151 12.87 -10.06 -10.85
N TYR A 152 11.75 -10.71 -11.18
CA TYR A 152 11.55 -12.10 -10.82
C TYR A 152 11.27 -12.92 -12.08
N PRO A 153 12.02 -14.02 -12.28
CA PRO A 153 13.09 -14.58 -11.45
C PRO A 153 14.43 -13.89 -11.68
N ALA A 154 15.34 -14.07 -10.74
CA ALA A 154 16.67 -13.48 -10.79
C ALA A 154 17.67 -14.51 -10.32
N THR A 155 18.85 -14.53 -10.95
CA THR A 155 19.91 -15.37 -10.44
C THR A 155 20.28 -14.92 -9.04
N PRO A 156 20.81 -15.82 -8.22
CA PRO A 156 21.29 -15.38 -6.91
C PRO A 156 22.27 -14.22 -7.01
N SER A 157 23.16 -14.23 -8.00
CA SER A 157 24.17 -13.18 -8.09
C SER A 157 23.55 -11.84 -8.48
N ARG A 158 22.62 -11.85 -9.43
CA ARG A 158 21.96 -10.60 -9.79
C ARG A 158 21.05 -10.09 -8.68
N ALA A 159 20.36 -11.01 -7.99
CA ALA A 159 19.58 -10.60 -6.82
C ALA A 159 20.48 -10.00 -5.76
N ALA A 160 21.67 -10.55 -5.58
CA ALA A 160 22.59 -10.01 -4.58
C ALA A 160 23.08 -8.62 -4.96
N SER A 161 23.50 -8.43 -6.20
CA SER A 161 24.02 -7.11 -6.58
C SER A 161 22.91 -6.08 -6.59
N SER A 162 21.70 -6.47 -6.99
CA SER A 162 20.57 -5.56 -6.94
C SER A 162 20.26 -5.16 -5.51
N MET A 163 20.19 -6.16 -4.61
CA MET A 163 19.91 -5.88 -3.21
C MET A 163 20.97 -4.96 -2.62
N GLU A 164 22.24 -5.21 -2.93
CA GLU A 164 23.31 -4.39 -2.35
C GLU A 164 23.20 -2.95 -2.82
N ARG A 165 22.88 -2.74 -4.10
CA ARG A 165 22.63 -1.39 -4.59
C ARG A 165 21.46 -0.77 -3.85
N SER A 166 20.37 -1.52 -3.67
CA SER A 166 19.23 -1.00 -2.93
CA SER A 166 19.22 -1.00 -2.93
C SER A 166 19.60 -0.60 -1.51
N MET A 167 20.52 -1.34 -0.89
CA MET A 167 20.90 -0.99 0.48
C MET A 167 21.76 0.27 0.51
N ARG A 168 22.65 0.44 -0.47
CA ARG A 168 23.36 1.70 -0.60
C ARG A 168 22.38 2.85 -0.85
N TRP A 169 21.36 2.61 -1.67
CA TRP A 169 20.36 3.64 -1.89
C TRP A 169 19.54 3.93 -0.65
N ALA A 170 19.33 2.91 0.21
CA ALA A 170 18.60 3.12 1.45
C ALA A 170 19.38 4.03 2.38
N LYS A 171 20.69 3.83 2.47
CA LYS A 171 21.53 4.71 3.28
C LYS A 171 21.53 6.12 2.72
N ARG A 172 21.62 6.27 1.41
CA ARG A 172 21.57 7.61 0.83
C ARG A 172 20.22 8.27 1.10
N SER A 173 19.13 7.50 1.07
CA SER A 173 17.80 8.03 1.36
C SER A 173 17.70 8.50 2.79
N ARG A 174 18.18 7.68 3.73
CA ARG A 174 18.24 8.05 5.14
C ARG A 174 18.99 9.37 5.33
N ASP A 175 20.17 9.49 4.73
CA ASP A 175 20.97 10.70 4.89
C ASP A 175 20.26 11.92 4.31
N ALA A 176 19.66 11.78 3.12
CA ALA A 176 18.98 12.91 2.52
C ALA A 176 17.78 13.34 3.35
N PHE A 177 17.02 12.37 3.87
CA PHE A 177 15.88 12.67 4.73
C PHE A 177 16.34 13.38 6.00
N ASP A 178 17.40 12.88 6.63
CA ASP A 178 17.85 13.48 7.88
C ASP A 178 18.43 14.88 7.69
N SER A 179 18.87 15.21 6.47
N SER A 179 18.88 15.21 6.48
CA SER A 179 19.45 16.51 6.18
CA SER A 179 19.46 16.52 6.21
C SER A 179 18.40 17.62 6.13
C SER A 179 18.42 17.62 6.05
N ARG A 180 17.14 17.26 5.91
CA ARG A 180 16.05 18.22 5.76
C ARG A 180 15.31 18.23 7.09
N LYS A 181 15.64 19.20 7.95
CA LYS A 181 15.16 19.17 9.33
C LYS A 181 13.64 19.13 9.41
N GLU A 182 12.94 19.89 8.54
CA GLU A 182 11.49 19.92 8.61
C GLU A 182 10.91 18.56 8.25
N GLN A 183 11.52 17.89 7.29
CA GLN A 183 11.08 16.57 6.91
C GLN A 183 11.34 15.58 8.04
N ALA A 184 12.55 15.59 8.59
CA ALA A 184 12.91 14.64 9.64
C ALA A 184 12.08 14.82 10.90
N GLU A 185 11.66 16.04 11.19
CA GLU A 185 10.87 16.32 12.39
C GLU A 185 9.40 15.98 12.22
N ASN A 186 8.88 15.97 11.00
CA ASN A 186 7.45 15.85 10.78
C ASN A 186 7.01 14.60 10.07
N ALA A 187 7.92 13.88 9.42
CA ALA A 187 7.59 12.72 8.61
C ALA A 187 8.35 11.51 9.15
N ALA A 188 8.00 10.34 8.61
CA ALA A 188 8.66 9.07 8.89
C ALA A 188 9.28 8.55 7.60
N LEU A 189 10.30 7.70 7.76
CA LEU A 189 11.04 7.13 6.64
C LEU A 189 11.05 5.61 6.79
N PHE A 190 10.58 4.91 5.76
CA PHE A 190 10.60 3.45 5.74
C PHE A 190 11.66 2.94 4.77
N GLY A 191 12.28 1.82 5.13
CA GLY A 191 13.24 1.14 4.29
C GLY A 191 12.61 -0.08 3.67
N ILE A 192 13.16 -0.51 2.53
CA ILE A 192 12.59 -1.62 1.74
C ILE A 192 13.62 -2.75 1.66
N GLN A 193 13.23 -3.91 2.19
CA GLN A 193 14.06 -5.11 2.11
C GLN A 193 13.98 -5.70 0.73
N GLN A 194 15.12 -6.12 0.20
CA GLN A 194 15.17 -6.86 -1.05
C GLN A 194 15.87 -8.19 -0.83
N GLY A 195 16.31 -8.86 -1.90
CA GLY A 195 16.88 -10.19 -1.77
C GLY A 195 16.12 -11.27 -2.51
N SER A 196 15.06 -10.93 -3.23
CA SER A 196 14.35 -11.89 -4.09
C SER A 196 13.86 -13.04 -3.20
N VAL A 197 14.02 -14.28 -3.64
CA VAL A 197 13.50 -15.43 -2.90
C VAL A 197 14.56 -16.08 -2.03
N PHE A 198 15.71 -15.41 -1.85
CA PHE A 198 16.88 -16.03 -1.24
C PHE A 198 16.99 -15.61 0.22
N GLU A 199 16.89 -16.59 1.12
CA GLU A 199 16.88 -16.31 2.56
C GLU A 199 18.13 -15.56 2.99
N ASN A 200 19.32 -15.98 2.54
CA ASN A 200 20.55 -15.32 2.98
C ASN A 200 20.60 -13.86 2.55
N LEU A 201 20.11 -13.56 1.34
CA LEU A 201 20.10 -12.16 0.88
C LEU A 201 19.07 -11.35 1.63
N ARG A 202 17.89 -11.92 1.89
CA ARG A 202 16.89 -11.23 2.70
C ARG A 202 17.44 -10.92 4.08
N GLN A 203 18.24 -11.83 4.65
CA GLN A 203 18.84 -11.58 5.96
C GLN A 203 19.86 -10.46 5.90
N GLN A 204 20.73 -10.48 4.89
CA GLN A 204 21.69 -9.39 4.75
C GLN A 204 20.97 -8.05 4.56
N SER A 205 19.89 -8.06 3.78
CA SER A 205 19.15 -6.83 3.55
C SER A 205 18.50 -6.32 4.82
N ALA A 206 17.87 -7.22 5.59
CA ALA A 206 17.29 -6.81 6.86
C ALA A 206 18.35 -6.25 7.79
N ASP A 207 19.52 -6.91 7.84
CA ASP A 207 20.57 -6.43 8.73
C ASP A 207 21.04 -5.05 8.32
N ALA A 208 21.22 -4.83 7.03
CA ALA A 208 21.65 -3.52 6.54
C ALA A 208 20.62 -2.45 6.88
N LEU A 209 19.34 -2.73 6.65
CA LEU A 209 18.31 -1.75 6.96
C LEU A 209 18.24 -1.44 8.44
N ALA A 210 18.37 -2.46 9.28
CA ALA A 210 18.32 -2.23 10.73
C ALA A 210 19.53 -1.45 11.20
N GLU A 211 20.69 -1.63 10.56
CA GLU A 211 21.88 -0.88 10.91
C GLU A 211 21.76 0.59 10.52
N ILE A 212 21.09 0.88 9.40
CA ILE A 212 20.81 2.27 9.03
C ILE A 212 19.76 2.85 9.96
N GLY A 213 18.69 2.09 10.20
CA GLY A 213 17.61 2.46 11.09
C GLY A 213 16.49 3.16 10.35
N PHE A 214 15.29 2.60 10.40
CA PHE A 214 14.11 3.18 9.77
C PHE A 214 12.94 3.14 10.74
N ASP A 215 11.92 3.94 10.44
CA ASP A 215 10.70 3.96 11.22
C ASP A 215 9.80 2.77 10.92
N GLY A 216 9.98 2.15 9.76
CA GLY A 216 9.17 1.03 9.31
C GLY A 216 9.91 0.33 8.19
N TYR A 217 9.51 -0.91 7.91
CA TYR A 217 10.26 -1.75 6.98
C TYR A 217 9.29 -2.44 6.05
N ALA A 218 9.50 -2.30 4.75
CA ALA A 218 8.70 -3.02 3.77
C ALA A 218 9.44 -4.28 3.34
N VAL A 219 8.68 -5.32 3.03
CA VAL A 219 9.23 -6.49 2.36
C VAL A 219 9.03 -6.24 0.87
N GLY A 220 10.09 -5.75 0.22
CA GLY A 220 10.00 -5.43 -1.19
C GLY A 220 10.22 -6.63 -2.07
N GLY A 221 10.09 -6.41 -3.36
CA GLY A 221 10.41 -7.43 -4.34
C GLY A 221 9.41 -8.54 -4.45
N LEU A 222 8.21 -8.38 -3.90
CA LEU A 222 7.14 -9.37 -4.00
C LEU A 222 5.97 -8.79 -4.77
N ALA A 223 4.99 -9.64 -5.03
CA ALA A 223 3.85 -9.27 -5.88
C ALA A 223 4.33 -8.85 -7.26
N VAL A 224 5.33 -9.55 -7.79
CA VAL A 224 5.92 -9.22 -9.08
C VAL A 224 5.88 -10.45 -9.97
N GLY A 225 4.88 -11.32 -9.75
CA GLY A 225 4.62 -12.46 -10.60
C GLY A 225 4.94 -13.79 -9.97
N GLU A 226 5.36 -13.83 -8.71
CA GLU A 226 5.79 -15.08 -8.10
C GLU A 226 4.62 -15.96 -7.65
N GLY A 227 3.42 -15.39 -7.51
CA GLY A 227 2.30 -16.17 -7.03
C GLY A 227 2.21 -16.23 -5.52
N GLN A 228 1.01 -16.55 -5.03
CA GLN A 228 0.73 -16.44 -3.60
C GLN A 228 1.56 -17.42 -2.77
N ASP A 229 1.69 -18.67 -3.23
CA ASP A 229 2.43 -19.66 -2.46
C ASP A 229 3.86 -19.20 -2.21
N GLU A 230 4.55 -18.76 -3.27
CA GLU A 230 5.93 -18.33 -3.14
C GLU A 230 6.02 -17.04 -2.33
N MET A 231 5.07 -16.12 -2.55
CA MET A 231 5.07 -14.90 -1.75
C MET A 231 4.98 -15.23 -0.27
N PHE A 232 4.05 -16.13 0.10
CA PHE A 232 3.90 -16.53 1.49
C PHE A 232 5.16 -17.21 2.00
N ARG A 233 5.78 -18.07 1.18
CA ARG A 233 7.05 -18.71 1.55
C ARG A 233 8.12 -17.67 1.87
N VAL A 234 8.26 -16.64 1.04
CA VAL A 234 9.25 -15.61 1.29
C VAL A 234 8.90 -14.82 2.55
N LEU A 235 7.61 -14.49 2.72
CA LEU A 235 7.20 -13.79 3.94
C LEU A 235 7.51 -14.61 5.17
N ASP A 236 7.33 -15.94 5.08
CA ASP A 236 7.53 -16.83 6.21
C ASP A 236 8.88 -16.60 6.87
N PHE A 237 9.96 -16.52 6.06
CA PHE A 237 11.28 -16.29 6.64
C PHE A 237 11.71 -14.83 6.65
N SER A 238 11.09 -13.96 5.85
CA SER A 238 11.59 -12.59 5.71
C SER A 238 11.07 -11.67 6.81
N VAL A 239 9.79 -11.76 7.17
CA VAL A 239 9.25 -10.82 8.14
C VAL A 239 9.95 -10.95 9.49
N PRO A 240 10.25 -12.15 9.99
CA PRO A 240 10.92 -12.26 11.30
C PRO A 240 12.31 -11.66 11.33
N MET A 241 12.92 -11.40 10.17
CA MET A 241 14.22 -10.75 10.13
C MET A 241 14.13 -9.26 10.39
N LEU A 242 12.97 -8.65 10.19
CA LEU A 242 12.82 -7.22 10.37
C LEU A 242 12.66 -6.89 11.85
N PRO A 243 13.00 -5.68 12.26
CA PRO A 243 12.74 -5.29 13.65
C PRO A 243 11.28 -5.52 14.00
N ASP A 244 11.06 -6.19 15.13
CA ASP A 244 9.70 -6.51 15.55
C ASP A 244 8.94 -5.27 15.97
N ASP A 245 9.64 -4.25 16.48
CA ASP A 245 9.03 -3.12 17.13
C ASP A 245 8.68 -2.00 16.17
N LYS A 246 8.77 -2.23 14.86
CA LYS A 246 8.40 -1.24 13.87
C LYS A 246 7.41 -1.87 12.90
N PRO A 247 6.62 -1.04 12.21
CA PRO A 247 5.64 -1.59 11.26
C PRO A 247 6.31 -2.31 10.10
N HIS A 248 5.59 -3.29 9.58
CA HIS A 248 6.00 -4.10 8.44
C HIS A 248 5.00 -3.88 7.32
N TYR A 249 5.50 -3.51 6.14
CA TYR A 249 4.66 -3.06 5.02
C TYR A 249 4.87 -3.97 3.81
N LEU A 250 3.78 -4.40 3.20
CA LEU A 250 3.83 -5.18 1.96
C LEU A 250 3.18 -4.35 0.85
N MET A 251 3.99 -3.91 -0.12
CA MET A 251 3.53 -3.03 -1.18
C MET A 251 2.82 -3.82 -2.27
N GLY A 252 1.71 -3.25 -2.78
CA GLY A 252 1.05 -3.84 -3.93
C GLY A 252 0.29 -5.12 -3.65
N VAL A 253 -0.08 -5.37 -2.40
CA VAL A 253 -0.80 -6.56 -2.01
C VAL A 253 -2.06 -6.11 -1.25
N GLY A 254 -3.24 -6.65 -1.55
CA GLY A 254 -3.47 -7.61 -2.60
C GLY A 254 -4.95 -8.01 -2.57
N LYS A 255 -5.25 -9.23 -3.00
CA LYS A 255 -6.59 -9.76 -2.87
C LYS A 255 -6.90 -9.98 -1.39
N PRO A 256 -8.18 -10.04 -1.02
CA PRO A 256 -8.49 -10.22 0.41
C PRO A 256 -7.75 -11.38 1.05
N ASP A 257 -7.67 -12.54 0.38
CA ASP A 257 -6.95 -13.68 0.95
C ASP A 257 -5.45 -13.46 1.01
N ASP A 258 -4.88 -12.69 0.08
CA ASP A 258 -3.47 -12.31 0.20
C ASP A 258 -3.24 -11.53 1.50
N ILE A 259 -4.12 -10.58 1.79
CA ILE A 259 -3.98 -9.75 2.99
C ILE A 259 -4.07 -10.61 4.24
N VAL A 260 -5.08 -11.48 4.33
CA VAL A 260 -5.24 -12.29 5.52
C VAL A 260 -4.01 -13.13 5.76
N GLY A 261 -3.50 -13.78 4.73
CA GLY A 261 -2.33 -14.63 4.90
C GLY A 261 -1.08 -13.83 5.22
N ALA A 262 -0.96 -12.63 4.66
CA ALA A 262 0.20 -11.80 4.98
C ALA A 262 0.15 -11.30 6.43
N VAL A 263 -1.05 -10.97 6.93
CA VAL A 263 -1.18 -10.60 8.34
C VAL A 263 -0.79 -11.77 9.24
N GLU A 264 -1.17 -12.99 8.87
CA GLU A 264 -0.78 -14.19 9.61
C GLU A 264 0.74 -14.34 9.66
N ARG A 265 1.45 -13.66 8.77
CA ARG A 265 2.90 -13.74 8.70
C ARG A 265 3.58 -12.48 9.18
N GLY A 266 2.83 -11.56 9.82
CA GLY A 266 3.42 -10.41 10.48
C GLY A 266 3.40 -9.10 9.73
N ILE A 267 2.62 -8.97 8.65
CA ILE A 267 2.51 -7.71 7.93
C ILE A 267 1.46 -6.82 8.58
N ASP A 268 1.79 -5.54 8.72
CA ASP A 268 0.94 -4.54 9.36
C ASP A 268 0.30 -3.54 8.42
N MET A 269 0.81 -3.38 7.19
CA MET A 269 0.36 -2.33 6.28
C MET A 269 0.35 -2.85 4.86
N PHE A 270 -0.63 -2.39 4.08
CA PHE A 270 -0.85 -2.84 2.71
C PHE A 270 -1.33 -1.68 1.86
N ASP A 271 -0.99 -1.72 0.57
CA ASP A 271 -1.65 -0.89 -0.43
C ASP A 271 -1.86 -1.75 -1.66
N CYS A 272 -2.94 -1.46 -2.40
CA CYS A 272 -3.16 -2.18 -3.65
C CYS A 272 -4.17 -1.43 -4.50
N VAL A 273 -3.94 -1.42 -5.81
CA VAL A 273 -4.91 -0.82 -6.73
C VAL A 273 -6.14 -1.69 -6.97
N LEU A 274 -6.15 -2.95 -6.52
CA LEU A 274 -7.24 -3.85 -6.88
C LEU A 274 -8.62 -3.30 -6.55
N PRO A 275 -8.92 -2.82 -5.34
CA PRO A 275 -10.32 -2.43 -5.07
C PRO A 275 -10.79 -1.30 -5.95
N THR A 276 -9.93 -0.33 -6.22
CA THR A 276 -10.32 0.80 -7.06
C THR A 276 -10.37 0.38 -8.54
N ARG A 277 -9.28 -0.18 -9.05
CA ARG A 277 -9.21 -0.53 -10.47
C ARG A 277 -10.24 -1.59 -10.83
N SER A 278 -10.33 -2.64 -10.03
CA SER A 278 -11.28 -3.69 -10.39
C SER A 278 -12.71 -3.23 -10.19
N GLY A 279 -12.96 -2.35 -9.22
CA GLY A 279 -14.28 -1.77 -9.08
C GLY A 279 -14.73 -1.06 -10.33
N ARG A 280 -13.84 -0.24 -10.91
CA ARG A 280 -14.19 0.48 -12.13
C ARG A 280 -14.48 -0.48 -13.27
N ASN A 281 -13.83 -1.64 -13.28
CA ASN A 281 -14.04 -2.63 -14.32
C ASN A 281 -15.18 -3.60 -14.05
N GLY A 282 -15.90 -3.44 -12.95
CA GLY A 282 -17.07 -4.24 -12.70
C GLY A 282 -16.92 -5.36 -11.71
N GLN A 283 -15.79 -5.47 -11.03
CA GLN A 283 -15.58 -6.53 -10.06
C GLN A 283 -15.83 -5.97 -8.67
N ALA A 284 -16.77 -6.58 -7.93
CA ALA A 284 -17.07 -6.21 -6.56
C ALA A 284 -16.62 -7.30 -5.62
N PHE A 285 -15.99 -6.93 -4.53
CA PHE A 285 -15.60 -7.89 -3.52
C PHE A 285 -16.75 -8.11 -2.55
N THR A 286 -17.00 -9.37 -2.22
CA THR A 286 -18.03 -9.72 -1.25
C THR A 286 -17.46 -10.77 -0.32
N TRP A 287 -18.15 -10.99 0.79
CA TRP A 287 -17.70 -12.01 1.73
C TRP A 287 -17.83 -13.41 1.15
N ASP A 288 -18.59 -13.58 0.07
CA ASP A 288 -18.69 -14.84 -0.65
C ASP A 288 -17.83 -14.85 -1.90
N GLY A 289 -16.81 -14.01 -1.96
CA GLY A 289 -15.91 -13.98 -3.09
C GLY A 289 -16.23 -12.83 -4.01
N PRO A 290 -15.40 -12.61 -5.02
CA PRO A 290 -15.65 -11.53 -5.96
C PRO A 290 -16.79 -11.88 -6.89
N ILE A 291 -17.50 -10.87 -7.36
CA ILE A 291 -18.53 -11.01 -8.39
C ILE A 291 -18.25 -10.01 -9.50
N ASN A 292 -18.62 -10.35 -10.74
CA ASN A 292 -18.57 -9.38 -11.84
CA ASN A 292 -18.56 -9.41 -11.84
C ASN A 292 -19.97 -8.88 -12.07
N ILE A 293 -20.21 -7.65 -11.64
CA ILE A 293 -21.53 -7.08 -11.63
C ILE A 293 -22.14 -6.95 -13.01
N ARG A 294 -21.32 -6.93 -14.05
CA ARG A 294 -21.84 -6.84 -15.40
C ARG A 294 -22.51 -8.14 -15.85
N ASN A 295 -22.26 -9.24 -15.15
CA ASN A 295 -22.82 -10.52 -15.57
C ASN A 295 -24.34 -10.44 -15.58
N ALA A 296 -24.94 -11.11 -16.58
CA ALA A 296 -26.37 -11.07 -16.78
C ALA A 296 -27.14 -11.53 -15.56
N ARG A 297 -26.55 -12.39 -14.72
CA ARG A 297 -27.30 -12.90 -13.58
C ARG A 297 -27.68 -11.80 -12.59
N PHE A 298 -27.08 -10.62 -12.68
CA PHE A 298 -27.37 -9.55 -11.75
C PHE A 298 -28.38 -8.54 -12.28
N SER A 299 -28.92 -8.75 -13.48
CA SER A 299 -29.72 -7.72 -14.13
C SER A 299 -31.01 -7.41 -13.38
N GLU A 300 -31.54 -8.37 -12.62
CA GLU A 300 -32.77 -8.15 -11.86
C GLU A 300 -32.59 -8.48 -10.38
N ASP A 301 -31.36 -8.43 -9.88
CA ASP A 301 -31.05 -8.79 -8.51
C ASP A 301 -31.16 -7.54 -7.64
N LEU A 302 -32.18 -7.50 -6.78
CA LEU A 302 -32.43 -6.34 -5.96
C LEU A 302 -31.62 -6.31 -4.68
N LYS A 303 -30.85 -7.36 -4.39
CA LYS A 303 -29.97 -7.30 -3.25
C LYS A 303 -28.84 -6.30 -3.48
N PRO A 304 -28.27 -5.76 -2.43
CA PRO A 304 -27.06 -4.93 -2.57
C PRO A 304 -25.87 -5.79 -2.96
N LEU A 305 -24.77 -5.13 -3.32
CA LEU A 305 -23.56 -5.85 -3.70
C LEU A 305 -23.23 -6.96 -2.70
N ASP A 306 -23.27 -6.63 -1.40
CA ASP A 306 -23.07 -7.63 -0.35
C ASP A 306 -24.09 -7.36 0.75
N SER A 307 -24.85 -8.38 1.12
CA SER A 307 -25.97 -8.20 2.05
C SER A 307 -25.53 -8.06 3.50
N GLU A 308 -24.24 -8.16 3.82
CA GLU A 308 -23.75 -7.87 5.16
C GLU A 308 -22.84 -6.65 5.22
N CYS A 309 -22.52 -6.05 4.09
CA CYS A 309 -21.66 -4.87 4.04
C CYS A 309 -22.35 -3.67 4.65
N HIS A 310 -21.60 -2.89 5.42
CA HIS A 310 -22.11 -1.70 6.08
C HIS A 310 -21.96 -0.43 5.27
N CYS A 311 -21.46 -0.50 4.04
CA CYS A 311 -21.15 0.73 3.33
C CYS A 311 -22.41 1.42 2.83
N ALA A 312 -22.26 2.70 2.49
CA ALA A 312 -23.41 3.49 2.06
C ALA A 312 -24.01 2.96 0.77
N VAL A 313 -23.18 2.41 -0.12
CA VAL A 313 -23.69 1.89 -1.38
C VAL A 313 -24.65 0.74 -1.12
N CYS A 314 -24.27 -0.16 -0.22
CA CYS A 314 -25.09 -1.33 0.06
C CYS A 314 -26.32 -1.00 0.88
N GLN A 315 -26.36 0.18 1.51
CA GLN A 315 -27.58 0.63 2.15
C GLN A 315 -28.59 1.18 1.15
N LYS A 316 -28.18 1.57 -0.05
CA LYS A 316 -29.03 2.39 -0.90
C LYS A 316 -29.29 1.86 -2.32
N TRP A 317 -28.38 1.06 -2.91
CA TRP A 317 -28.52 0.67 -4.31
C TRP A 317 -28.38 -0.83 -4.48
N SER A 318 -29.08 -1.34 -5.47
CA SER A 318 -29.08 -2.75 -5.79
C SER A 318 -27.99 -3.14 -6.80
N ARG A 319 -27.66 -4.43 -6.77
CA ARG A 319 -26.88 -5.04 -7.83
C ARG A 319 -27.43 -4.70 -9.20
N ALA A 320 -28.76 -4.80 -9.36
CA ALA A 320 -29.38 -4.55 -10.66
C ALA A 320 -29.08 -3.15 -11.16
N TYR A 321 -29.16 -2.16 -10.28
CA TYR A 321 -28.87 -0.80 -10.71
C TYR A 321 -27.40 -0.62 -11.07
N ILE A 322 -26.50 -1.12 -10.23
CA ILE A 322 -25.06 -0.96 -10.48
C ILE A 322 -24.64 -1.73 -11.74
N HIS A 323 -25.25 -2.89 -11.96
CA HIS A 323 -25.08 -3.65 -13.21
C HIS A 323 -25.41 -2.78 -14.41
N HIS A 324 -26.55 -2.10 -14.36
CA HIS A 324 -26.95 -1.21 -15.44
C HIS A 324 -25.93 -0.08 -15.61
N LEU A 325 -25.51 0.54 -14.51
CA LEU A 325 -24.59 1.67 -14.61
C LEU A 325 -23.29 1.26 -15.26
N ILE A 326 -22.69 0.16 -14.81
CA ILE A 326 -21.40 -0.25 -15.36
C ILE A 326 -21.53 -0.63 -16.83
N ARG A 327 -22.58 -1.37 -17.18
CA ARG A 327 -22.78 -1.73 -18.57
C ARG A 327 -22.98 -0.51 -19.45
N ALA A 328 -23.60 0.55 -18.91
CA ALA A 328 -23.83 1.77 -19.67
C ALA A 328 -22.61 2.68 -19.69
N GLY A 329 -21.53 2.32 -19.02
CA GLY A 329 -20.35 3.16 -18.93
C GLY A 329 -20.52 4.41 -18.12
N GLU A 330 -21.44 4.40 -17.16
CA GLU A 330 -21.75 5.59 -16.39
C GLU A 330 -20.76 5.79 -15.25
N ILE A 331 -20.36 7.05 -15.06
CA ILE A 331 -19.42 7.39 -14.00
C ILE A 331 -19.96 6.98 -12.62
N LEU A 332 -21.26 7.14 -12.37
CA LEU A 332 -21.79 6.74 -11.07
C LEU A 332 -21.55 5.26 -10.81
N GLY A 333 -21.54 4.43 -11.85
CA GLY A 333 -21.21 3.03 -11.64
C GLY A 333 -19.83 2.85 -11.05
N ALA A 334 -18.83 3.51 -11.63
CA ALA A 334 -17.48 3.48 -11.10
C ALA A 334 -17.45 3.99 -9.67
N MET A 335 -18.16 5.08 -9.40
CA MET A 335 -18.17 5.67 -8.06
C MET A 335 -18.70 4.67 -7.03
N LEU A 336 -19.84 4.06 -7.34
CA LEU A 336 -20.47 3.17 -6.37
C LEU A 336 -19.65 1.90 -6.18
N MET A 337 -19.15 1.32 -7.28
CA MET A 337 -18.31 0.13 -7.16
C MET A 337 -17.06 0.41 -6.35
N THR A 338 -16.41 1.55 -6.59
CA THR A 338 -15.18 1.87 -5.89
C THR A 338 -15.43 2.12 -4.41
N GLU A 339 -16.50 2.87 -4.08
CA GLU A 339 -16.79 3.12 -2.68
C GLU A 339 -17.05 1.80 -1.96
N HIS A 340 -17.85 0.92 -2.56
CA HIS A 340 -18.11 -0.36 -1.92
C HIS A 340 -16.82 -1.16 -1.75
N ASN A 341 -15.99 -1.26 -2.79
CA ASN A 341 -14.81 -2.10 -2.68
C ASN A 341 -13.84 -1.58 -1.62
N ILE A 342 -13.63 -0.26 -1.58
CA ILE A 342 -12.75 0.28 -0.55
C ILE A 342 -13.36 0.06 0.83
N ALA A 343 -14.67 0.26 0.97
CA ALA A 343 -15.33 -0.02 2.23
C ALA A 343 -15.22 -1.48 2.63
N PHE A 344 -15.36 -2.39 1.66
CA PHE A 344 -15.18 -3.80 1.94
C PHE A 344 -13.78 -4.07 2.47
N TYR A 345 -12.75 -3.54 1.80
CA TYR A 345 -11.38 -3.70 2.26
C TYR A 345 -11.22 -3.15 3.68
N GLN A 346 -11.83 -2.00 3.97
CA GLN A 346 -11.69 -1.46 5.32
C GLN A 346 -12.41 -2.31 6.35
N GLN A 347 -13.56 -2.86 6.01
CA GLN A 347 -14.28 -3.75 6.91
C GLN A 347 -13.48 -5.04 7.15
N LEU A 348 -12.83 -5.55 6.10
CA LEU A 348 -11.92 -6.67 6.28
C LEU A 348 -10.82 -6.32 7.26
N MET A 349 -10.21 -5.14 7.10
CA MET A 349 -9.14 -4.78 8.03
C MET A 349 -9.65 -4.65 9.45
N GLN A 350 -10.85 -4.07 9.62
CA GLN A 350 -11.45 -3.97 10.95
C GLN A 350 -11.68 -5.34 11.56
N LYS A 351 -12.18 -6.29 10.78
CA LYS A 351 -12.38 -7.64 11.30
C LYS A 351 -11.07 -8.30 11.67
N ILE A 352 -10.03 -8.04 10.89
CA ILE A 352 -8.70 -8.53 11.22
C ILE A 352 -8.22 -7.93 12.55
N ARG A 353 -8.31 -6.61 12.67
CA ARG A 353 -7.84 -5.95 13.88
C ARG A 353 -8.61 -6.46 15.11
N ASP A 354 -9.94 -6.52 15.00
CA ASP A 354 -10.75 -6.96 16.13
C ASP A 354 -10.42 -8.39 16.51
N SER A 355 -10.28 -9.27 15.51
CA SER A 355 -10.04 -10.67 15.82
C SER A 355 -8.67 -10.87 16.47
N ILE A 356 -7.63 -10.16 16.01
CA ILE A 356 -6.34 -10.24 16.69
C ILE A 356 -6.46 -9.72 18.11
N SER A 357 -7.07 -8.56 18.28
CA SER A 357 -7.21 -7.99 19.61
C SER A 357 -7.90 -8.97 20.55
N GLU A 358 -8.86 -9.72 20.03
CA GLU A 358 -9.67 -10.63 20.82
C GLU A 358 -9.12 -12.04 20.86
N GLY A 359 -7.96 -12.29 20.25
CA GLY A 359 -7.36 -13.60 20.32
C GLY A 359 -8.12 -14.66 19.55
N ARG A 360 -8.81 -14.27 18.47
CA ARG A 360 -9.55 -15.22 17.64
C ARG A 360 -9.24 -15.02 16.16
N PHE A 361 -8.05 -14.54 15.84
CA PHE A 361 -7.70 -14.30 14.44
C PHE A 361 -7.56 -15.59 13.65
N SER A 362 -6.98 -16.63 14.26
N SER A 362 -6.97 -16.64 14.25
CA SER A 362 -6.85 -17.90 13.55
CA SER A 362 -6.86 -17.90 13.55
C SER A 362 -8.22 -18.42 13.12
C SER A 362 -8.22 -18.42 13.12
N GLN A 363 -9.21 -18.34 14.01
CA GLN A 363 -10.55 -18.81 13.66
C GLN A 363 -11.16 -17.90 12.60
N PHE A 364 -10.94 -16.58 12.72
CA PHE A 364 -11.45 -15.67 11.71
C PHE A 364 -10.87 -16.02 10.34
N ALA A 365 -9.57 -16.26 10.27
CA ALA A 365 -8.94 -16.52 8.98
C ALA A 365 -9.51 -17.78 8.35
N GLN A 366 -9.70 -18.82 9.16
CA GLN A 366 -10.26 -20.06 8.64
C GLN A 366 -11.68 -19.84 8.17
N ASP A 367 -12.51 -19.16 8.97
CA ASP A 367 -13.90 -18.91 8.58
C ASP A 367 -13.98 -18.02 7.36
N PHE A 368 -13.12 -17.01 7.30
CA PHE A 368 -13.09 -16.13 6.15
C PHE A 368 -12.80 -16.91 4.88
N ARG A 369 -11.74 -17.73 4.90
CA ARG A 369 -11.34 -18.47 3.70
C ARG A 369 -12.40 -19.47 3.29
N ALA A 370 -13.00 -20.17 4.25
CA ALA A 370 -14.03 -21.16 3.92
C ALA A 370 -15.18 -20.51 3.16
N ARG A 371 -15.62 -19.34 3.60
CA ARG A 371 -16.74 -18.69 2.96
C ARG A 371 -16.34 -17.99 1.68
N TYR A 372 -15.21 -17.29 1.69
CA TYR A 372 -14.79 -16.51 0.53
C TYR A 372 -14.54 -17.41 -0.67
N PHE A 373 -13.96 -18.57 -0.44
CA PHE A 373 -13.71 -19.49 -1.54
C PHE A 373 -14.87 -20.40 -1.87
N ALA A 374 -15.88 -20.50 -1.01
CA ALA A 374 -17.08 -21.25 -1.36
C ALA A 374 -17.88 -20.55 -2.44
N ARG A 375 -17.75 -19.23 -2.56
CA ARG A 375 -18.47 -18.43 -3.53
C ARG A 375 -19.98 -18.63 -3.43
ZN ZN B . -20.98 -2.25 0.32
S DMS C . 29.85 1.39 -6.88
O DMS C . 28.97 0.45 -6.14
C1 DMS C . 30.80 2.29 -5.64
C2 DMS C . 31.17 0.44 -7.69
S DMS D . -10.40 14.83 5.42
O DMS D . -9.29 15.51 4.72
C1 DMS D . -11.61 14.26 4.19
C2 DMS D . -9.82 13.20 5.99
S DMS E . 7.18 22.07 2.49
O DMS E . 8.08 22.85 3.41
C1 DMS E . 8.21 21.44 1.14
C2 DMS E . 6.80 20.47 3.27
C4 46L F . 7.57 -4.18 -5.22
C5 46L F . 8.06 -2.92 -4.94
C6 46L F . 9.48 -2.72 -4.50
N1 46L F . 5.94 -1.96 -5.54
C7 46L F . 7.20 -1.84 -5.12
O1 46L F . 10.17 -3.74 -4.28
O 46L F . 9.89 -1.54 -4.36
C3 46L F . 6.27 -4.34 -5.67
C2 46L F . 5.49 -3.19 -5.81
N 46L F . 4.19 -3.27 -6.26
C1 46L F . 3.65 -4.53 -6.73
C 46L F . 3.37 -2.07 -6.37
C4 46L G . 13.74 15.29 -10.89
C5 46L G . 12.62 15.63 -11.63
C6 46L G . 12.46 15.17 -13.06
N1 46L G . 11.82 16.97 -9.80
C7 46L G . 11.68 16.46 -11.03
O1 46L G . 11.43 15.52 -13.67
O 46L G . 13.40 14.51 -13.56
C3 46L G . 13.91 15.79 -9.61
C2 46L G . 12.92 16.64 -9.11
N 46L G . 13.07 17.28 -7.90
C1 46L G . 14.32 17.21 -7.17
C 46L G . 12.13 18.31 -7.49
C1 PEG H . -20.08 -9.59 7.59
O1 PEG H . -19.40 -8.43 8.06
C2 PEG H . -19.78 -10.78 8.44
O2 PEG H . -18.41 -11.14 8.30
C3 PEG H . -18.14 -11.86 7.11
C4 PEG H . -17.48 -13.17 7.43
O4 PEG H . -16.22 -12.99 8.06
O1 PG4 I . -32.56 -3.78 1.73
C1 PG4 I . -31.16 -3.59 1.88
C2 PG4 I . -30.67 -2.45 1.04
O2 PG4 I . -30.98 -2.71 -0.32
C3 PG4 I . -30.58 -1.65 -1.18
C4 PG4 I . -31.17 -1.86 -2.54
O3 PG4 I . -32.59 -1.85 -2.44
C5 PG4 I . -33.22 -1.78 -3.71
C6 PG4 I . -34.70 -1.83 -3.54
O4 PG4 I . -35.05 -3.05 -2.90
C7 PG4 I . -36.37 -3.07 -2.37
C8 PG4 I . -36.52 -4.26 -1.48
O5 PG4 I . -36.13 -5.45 -2.13
#